data_7D38
#
_entry.id   7D38
#
_cell.length_a   66.365
_cell.length_b   66.365
_cell.length_c   194.057
_cell.angle_alpha   90.000
_cell.angle_beta   90.000
_cell.angle_gamma   90.000
#
_symmetry.space_group_name_H-M   'P 43 21 2'
#
loop_
_entity.id
_entity.type
_entity.pdbx_description
1 polymer Cd1
2 non-polymer chrysin
3 non-polymer 'FLAVIN MONONUCLEOTIDE'
4 water water
#
_entity_poly.entity_id   1
_entity_poly.type   'polypeptide(L)'
_entity_poly.pdbx_seq_one_letter_code
;(MSE)KILGISGG(MSE)RNGSNDG(MSE)CIEAL(MSE)GAKE(MSE)GAEVEFIQLQNLHIEHCTGCTACVQSVLGGR
GGKCVLKDDFDWLLDK(MSE)LDADGIVFSTPIFEKGATGLFHTITDRFGPR(MSE)DRGNNIIGTKIAEETGGTAPDPR
ILKDKVISF(MSE)SVGGSDWVTRTQCDAG(MSE)LALTP(MSE)WKVIDNEVFPWALSILVEDERVARAHQIGRNIAEA
AKDIEHAQYQGDAGVCPHCHSRNFHLQDGKAICCLCGLEGEIHNEGGKYSFTFPAEQLEHAHDTLSGKFIHGNDIKENTG
KKIAN(MSE)QTEKYKARQAAYRAFITATVPEKG
;
_entity_poly.pdbx_strand_id   A
#
loop_
_chem_comp.id
_chem_comp.type
_chem_comp.name
_chem_comp.formula
57D non-polymer chrysin 'C15 H10 O4'
FMN non-polymer 'FLAVIN MONONUCLEOTIDE' 'C17 H21 N4 O9 P'
#
# COMPACT_ATOMS: atom_id res chain seq x y z
N MSE A 1 -17.80 9.53 11.72
CA MSE A 1 -16.72 8.92 10.96
C MSE A 1 -16.13 7.73 11.69
O MSE A 1 -15.77 7.84 12.86
CB MSE A 1 -15.63 9.94 10.65
CG MSE A 1 -16.12 11.13 9.81
SE MSE A 1 -17.41 10.77 8.34
CE MSE A 1 -16.21 10.05 6.98
N LYS A 2 -16.01 6.60 10.99
CA LYS A 2 -15.45 5.37 11.57
C LYS A 2 -13.99 5.23 11.17
N ILE A 3 -13.12 5.14 12.16
CA ILE A 3 -11.69 4.89 11.96
C ILE A 3 -11.40 3.47 12.38
N LEU A 4 -10.85 2.68 11.47
CA LEU A 4 -10.39 1.32 11.74
C LEU A 4 -8.89 1.36 11.98
N GLY A 5 -8.46 0.79 13.09
CA GLY A 5 -7.04 0.60 13.38
C GLY A 5 -6.66 -0.86 13.23
N ILE A 6 -5.53 -1.09 12.59
CA ILE A 6 -5.03 -2.43 12.29
C ILE A 6 -3.60 -2.49 12.77
N SER A 7 -3.24 -3.58 13.45
CA SER A 7 -1.88 -3.77 13.92
C SER A 7 -1.33 -5.11 13.45
N GLY A 8 -0.08 -5.10 13.00
CA GLY A 8 0.59 -6.34 12.60
C GLY A 8 1.65 -6.84 13.57
N GLY A 9 1.66 -6.35 14.81
CA GLY A 9 2.64 -6.77 15.78
C GLY A 9 2.20 -7.99 16.57
N MSE A 10 2.98 -8.30 17.61
CA MSE A 10 2.55 -9.22 18.67
C MSE A 10 1.34 -8.66 19.42
O MSE A 10 1.22 -7.43 19.57
CB MSE A 10 3.67 -9.51 19.68
CG MSE A 10 4.85 -10.37 19.21
SE MSE A 10 4.45 -12.12 18.40
CE MSE A 10 2.58 -12.38 18.98
N ARG A 11 0.44 -9.56 19.89
CA ARG A 11 -0.68 -9.15 20.75
C ARG A 11 -0.17 -8.42 21.97
N ASN A 12 -0.66 -7.20 22.18
CA ASN A 12 -0.25 -6.40 23.32
C ASN A 12 1.15 -5.84 23.18
N GLY A 13 1.70 -5.83 21.97
CA GLY A 13 2.99 -5.24 21.73
C GLY A 13 2.90 -3.74 21.52
N SER A 14 4.03 -3.15 21.14
CA SER A 14 4.09 -1.72 20.89
C SER A 14 3.15 -1.31 19.76
N ASN A 15 3.22 -2.01 18.63
CA ASN A 15 2.37 -1.65 17.50
C ASN A 15 0.90 -1.63 17.88
N ASP A 16 0.46 -2.60 18.69
CA ASP A 16 -0.90 -2.51 19.25
C ASP A 16 -1.09 -1.21 19.99
N GLY A 17 -0.12 -0.85 20.83
CA GLY A 17 -0.30 0.34 21.68
C GLY A 17 -0.33 1.61 20.87
N MSE A 18 0.64 1.78 19.97
CA MSE A 18 0.68 2.93 19.09
C MSE A 18 -0.61 3.05 18.27
O MSE A 18 -1.09 4.17 18.05
CB MSE A 18 1.89 2.83 18.17
CG MSE A 18 3.19 2.77 18.92
SE MSE A 18 3.60 4.56 19.58
CE MSE A 18 4.34 5.37 17.98
N CYS A 19 -1.15 1.90 17.83
CA CYS A 19 -2.39 1.91 17.05
C CYS A 19 -3.60 2.25 17.92
N ILE A 20 -3.67 1.69 19.13
CA ILE A 20 -4.75 2.11 20.04
C ILE A 20 -4.58 3.57 20.43
N GLU A 21 -3.33 3.98 20.71
CA GLU A 21 -3.08 5.39 20.96
C GLU A 21 -3.67 6.26 19.85
N ALA A 22 -3.41 5.89 18.59
CA ALA A 22 -3.96 6.65 17.48
C ALA A 22 -5.48 6.58 17.49
N LEU A 23 -6.03 5.38 17.74
CA LEU A 23 -7.48 5.27 17.83
C LEU A 23 -8.06 6.22 18.88
N MSE A 24 -7.32 6.46 19.97
CA MSE A 24 -7.79 7.35 21.03
C MSE A 24 -7.76 8.80 20.57
O MSE A 24 -8.70 9.56 20.81
CB MSE A 24 -6.94 7.19 22.29
CG MSE A 24 -7.26 5.97 23.13
SE MSE A 24 -5.96 5.72 24.58
CE MSE A 24 -6.95 4.45 25.63
N GLY A 25 -6.68 9.19 19.89
CA GLY A 25 -6.67 10.47 19.21
C GLY A 25 -7.85 10.64 18.27
N ALA A 26 -8.28 9.56 17.62
CA ALA A 26 -9.41 9.67 16.70
C ALA A 26 -10.72 9.85 17.45
N LYS A 27 -10.85 9.19 18.60
CA LYS A 27 -12.08 9.35 19.36
C LYS A 27 -12.17 10.74 19.97
N GLU A 28 -11.03 11.27 20.42
CA GLU A 28 -10.99 12.66 20.86
C GLU A 28 -11.61 13.58 19.82
N MSE A 29 -11.43 13.28 18.55
CA MSE A 29 -11.99 14.10 17.47
C MSE A 29 -13.42 13.72 17.12
O MSE A 29 -13.99 14.29 16.21
CB MSE A 29 -11.14 13.97 16.21
CG MSE A 29 -9.70 14.31 16.39
SE MSE A 29 -9.62 16.15 16.84
CE MSE A 29 -8.86 16.01 18.62
N GLY A 30 -14.00 12.75 17.82
CA GLY A 30 -15.38 12.39 17.59
C GLY A 30 -15.62 11.14 16.78
N ALA A 31 -14.56 10.50 16.29
CA ALA A 31 -14.69 9.29 15.49
C ALA A 31 -15.18 8.12 16.33
N GLU A 32 -15.94 7.25 15.68
CA GLU A 32 -16.19 5.91 16.17
C GLU A 32 -15.02 5.01 15.73
N VAL A 33 -14.49 4.20 16.65
CA VAL A 33 -13.23 3.50 16.39
C VAL A 33 -13.40 2.01 16.57
N GLU A 34 -12.64 1.25 15.80
CA GLU A 34 -12.55 -0.20 15.93
C GLU A 34 -11.09 -0.60 15.75
N PHE A 35 -10.76 -1.83 16.18
CA PHE A 35 -9.38 -2.31 16.20
C PHE A 35 -9.31 -3.77 15.76
N ILE A 36 -8.40 -4.07 14.83
CA ILE A 36 -8.12 -5.43 14.40
C ILE A 36 -6.65 -5.75 14.64
N GLN A 37 -6.40 -6.88 15.28
CA GLN A 37 -5.05 -7.37 15.58
C GLN A 37 -4.77 -8.55 14.65
N LEU A 38 -3.85 -8.37 13.69
CA LEU A 38 -3.75 -9.34 12.61
C LEU A 38 -3.32 -10.74 13.08
N GLN A 39 -2.68 -10.88 14.25
CA GLN A 39 -2.32 -12.22 14.71
C GLN A 39 -3.54 -13.11 14.97
N ASN A 40 -4.73 -12.54 15.16
CA ASN A 40 -5.98 -13.30 15.26
C ASN A 40 -6.54 -13.72 13.91
N LEU A 41 -5.89 -13.36 12.81
CA LEU A 41 -6.42 -13.61 11.48
C LEU A 41 -5.60 -14.70 10.79
N HIS A 42 -6.29 -15.52 10.01
CA HIS A 42 -5.63 -16.51 9.15
C HIS A 42 -5.63 -15.96 7.74
N ILE A 43 -4.44 -15.73 7.20
CA ILE A 43 -4.30 -15.13 5.88
C ILE A 43 -3.24 -15.89 5.14
N GLU A 44 -3.62 -16.55 4.04
CA GLU A 44 -2.68 -17.31 3.23
C GLU A 44 -1.87 -16.37 2.34
N HIS A 45 -0.74 -16.89 1.84
CA HIS A 45 0.04 -16.16 0.84
C HIS A 45 -0.68 -16.12 -0.51
N CYS A 46 -0.45 -15.04 -1.25
CA CYS A 46 -0.88 -14.99 -2.64
C CYS A 46 -0.19 -16.07 -3.48
N THR A 47 -0.92 -17.12 -3.82
CA THR A 47 -0.44 -18.10 -4.81
C THR A 47 -0.38 -17.50 -6.21
N ASP A 68 -7.33 -16.49 3.59
CA ASP A 68 -8.67 -17.02 3.99
C ASP A 68 -9.59 -16.20 4.95
N ASP A 69 -9.05 -15.49 5.93
CA ASP A 69 -9.77 -14.41 6.60
C ASP A 69 -9.61 -13.09 5.85
N PHE A 70 -8.94 -13.11 4.71
CA PHE A 70 -8.63 -11.88 4.02
C PHE A 70 -9.90 -11.12 3.65
N ASP A 71 -10.88 -11.81 3.04
CA ASP A 71 -12.13 -11.15 2.66
C ASP A 71 -12.78 -10.42 3.84
N TRP A 72 -12.97 -11.13 4.96
CA TRP A 72 -13.49 -10.50 6.16
C TRP A 72 -12.76 -9.19 6.45
N LEU A 73 -11.42 -9.24 6.41
CA LEU A 73 -10.61 -8.05 6.68
C LEU A 73 -10.89 -6.92 5.70
N LEU A 74 -10.88 -7.23 4.40
CA LEU A 74 -11.19 -6.23 3.38
C LEU A 74 -12.57 -5.64 3.59
N ASP A 75 -13.54 -6.49 3.95
CA ASP A 75 -14.86 -5.97 4.29
C ASP A 75 -14.75 -4.91 5.39
N LYS A 76 -14.06 -5.22 6.48
CA LYS A 76 -13.91 -4.23 7.54
C LYS A 76 -13.26 -2.94 7.03
N MSE A 77 -12.25 -3.06 6.16
CA MSE A 77 -11.58 -1.87 5.64
C MSE A 77 -12.50 -1.04 4.75
O MSE A 77 -12.47 0.18 4.81
CB MSE A 77 -10.32 -2.24 4.86
CG MSE A 77 -9.24 -2.88 5.74
SE MSE A 77 -7.68 -3.65 4.82
CE MSE A 77 -6.62 -2.05 4.41
N LEU A 78 -13.30 -1.71 3.92
CA LEU A 78 -14.19 -0.97 3.02
C LEU A 78 -15.24 -0.18 3.80
N ASP A 79 -15.69 -0.67 4.95
CA ASP A 79 -16.67 0.06 5.73
C ASP A 79 -16.06 1.21 6.53
N ALA A 80 -14.74 1.33 6.60
CA ALA A 80 -14.16 2.42 7.38
C ALA A 80 -14.02 3.67 6.53
N ASP A 81 -14.10 4.82 7.18
CA ASP A 81 -13.90 6.10 6.49
C ASP A 81 -12.41 6.42 6.38
N GLY A 82 -11.67 6.13 7.45
CA GLY A 82 -10.23 6.14 7.40
C GLY A 82 -9.69 4.94 8.15
N ILE A 83 -8.45 4.59 7.82
CA ILE A 83 -7.76 3.45 8.42
C ILE A 83 -6.43 3.93 8.96
N VAL A 84 -6.05 3.41 10.14
CA VAL A 84 -4.71 3.60 10.68
C VAL A 84 -4.06 2.23 10.80
N PHE A 85 -2.95 2.06 10.09
CA PHE A 85 -2.26 0.78 9.98
C PHE A 85 -0.89 0.94 10.61
N SER A 86 -0.60 0.10 11.61
CA SER A 86 0.66 0.12 12.34
C SER A 86 1.38 -1.21 12.13
N THR A 87 2.57 -1.16 11.52
CA THR A 87 3.27 -2.40 11.20
C THR A 87 4.67 -2.45 11.79
N PRO A 88 5.08 -3.61 12.30
CA PRO A 88 6.49 -3.79 12.65
C PRO A 88 7.39 -3.64 11.45
N ILE A 89 8.67 -3.39 11.70
CA ILE A 89 9.68 -3.36 10.65
C ILE A 89 10.45 -4.67 10.66
N PHE A 90 10.45 -5.38 9.54
CA PHE A 90 11.25 -6.59 9.34
C PHE A 90 12.18 -6.38 8.16
N GLU A 91 13.45 -6.64 8.36
CA GLU A 91 14.49 -6.39 7.36
C GLU A 91 14.19 -5.11 6.58
N LYS A 92 14.12 -4.00 7.32
CA LYS A 92 14.06 -2.64 6.80
C LYS A 92 12.70 -2.25 6.24
N GLY A 93 11.81 -3.21 6.04
CA GLY A 93 10.50 -2.92 5.49
C GLY A 93 9.38 -3.42 6.36
N ALA A 94 8.18 -3.52 5.79
CA ALA A 94 7.08 -4.13 6.51
C ALA A 94 7.27 -5.65 6.58
N THR A 95 6.46 -6.28 7.43
CA THR A 95 6.45 -7.72 7.58
C THR A 95 6.01 -8.41 6.28
N GLY A 96 6.39 -9.68 6.15
CA GLY A 96 5.85 -10.48 5.06
C GLY A 96 4.34 -10.43 5.00
N LEU A 97 3.67 -10.32 6.16
CA LEU A 97 2.21 -10.36 6.15
C LEU A 97 1.63 -9.10 5.52
N PHE A 98 2.30 -7.97 5.69
CA PHE A 98 1.91 -6.73 5.04
C PHE A 98 2.09 -6.84 3.53
N HIS A 99 3.20 -7.42 3.09
CA HIS A 99 3.36 -7.64 1.67
C HIS A 99 2.27 -8.56 1.13
N THR A 100 1.87 -9.56 1.91
CA THR A 100 0.81 -10.45 1.47
C THR A 100 -0.52 -9.72 1.34
N ILE A 101 -0.83 -8.81 2.27
CA ILE A 101 -2.05 -8.04 2.13
C ILE A 101 -1.96 -7.12 0.91
N THR A 102 -0.77 -6.58 0.64
CA THR A 102 -0.55 -5.81 -0.59
C THR A 102 -0.77 -6.67 -1.84
N ASP A 103 -0.20 -7.89 -1.85
CA ASP A 103 -0.39 -8.81 -2.97
C ASP A 103 -1.87 -9.00 -3.26
N ARG A 104 -2.62 -9.38 -2.24
CA ARG A 104 -4.00 -9.78 -2.39
C ARG A 104 -4.92 -8.59 -2.61
N PHE A 105 -4.38 -7.38 -2.47
CA PHE A 105 -5.14 -6.18 -2.81
C PHE A 105 -5.32 -6.02 -4.31
N GLY A 106 -4.34 -6.45 -5.11
CA GLY A 106 -4.42 -6.35 -6.55
C GLY A 106 -5.78 -6.72 -7.10
N PRO A 107 -6.10 -7.99 -7.04
CA PRO A 107 -7.30 -8.51 -7.74
C PRO A 107 -8.62 -7.96 -7.25
N ARG A 108 -8.60 -7.06 -6.29
CA ARG A 108 -9.82 -6.74 -5.58
C ARG A 108 -10.01 -5.22 -5.49
N MSE A 109 -8.90 -4.50 -5.44
CA MSE A 109 -8.88 -3.10 -5.02
C MSE A 109 -8.25 -2.13 -6.01
O MSE A 109 -8.16 -0.94 -5.74
CB MSE A 109 -8.16 -3.00 -3.68
CG MSE A 109 -8.75 -3.84 -2.58
SE MSE A 109 -10.58 -3.29 -2.24
CE MSE A 109 -10.28 -1.42 -1.79
N ASP A 110 -7.80 -2.63 -7.16
CA ASP A 110 -7.20 -1.71 -8.11
C ASP A 110 -8.26 -0.75 -8.60
N ARG A 111 -8.03 0.54 -8.48
CA ARG A 111 -9.07 1.49 -8.73
C ARG A 111 -9.36 1.62 -10.19
N GLY A 112 -8.36 1.52 -11.04
CA GLY A 112 -8.59 1.49 -12.48
C GLY A 112 -9.45 0.31 -12.89
N ASN A 113 -9.15 -0.88 -12.36
CA ASN A 113 -9.92 -2.03 -12.81
C ASN A 113 -11.36 -1.96 -12.33
N ASN A 114 -11.56 -1.54 -11.07
CA ASN A 114 -12.92 -1.47 -10.55
C ASN A 114 -13.73 -0.38 -11.25
N ILE A 115 -13.08 0.67 -11.73
CA ILE A 115 -13.76 1.64 -12.55
C ILE A 115 -14.18 1.01 -13.87
N ILE A 116 -13.26 0.27 -14.52
CA ILE A 116 -13.56 -0.40 -15.78
C ILE A 116 -14.70 -1.40 -15.59
N GLY A 117 -14.63 -2.21 -14.53
CA GLY A 117 -15.62 -3.25 -14.36
C GLY A 117 -17.00 -2.71 -14.05
N THR A 118 -17.05 -1.59 -13.32
CA THR A 118 -18.34 -0.97 -13.05
C THR A 118 -18.96 -0.40 -14.32
N LYS A 119 -18.18 0.30 -15.13
CA LYS A 119 -18.65 0.74 -16.44
C LYS A 119 -19.13 -0.46 -17.26
N ILE A 120 -18.30 -1.50 -17.39
CA ILE A 120 -18.66 -2.62 -18.26
C ILE A 120 -19.90 -3.33 -17.75
N ALA A 121 -20.00 -3.52 -16.44
CA ALA A 121 -21.21 -4.15 -15.90
C ALA A 121 -22.44 -3.30 -16.19
N GLU A 122 -22.37 -2.00 -15.92
CA GLU A 122 -23.50 -1.13 -16.17
C GLU A 122 -23.98 -1.26 -17.61
N GLU A 123 -23.05 -1.32 -18.55
CA GLU A 123 -23.43 -1.21 -19.96
C GLU A 123 -23.70 -2.56 -20.62
N THR A 124 -23.45 -3.67 -19.94
CA THR A 124 -23.71 -4.99 -20.49
C THR A 124 -24.76 -5.75 -19.68
N GLY A 125 -25.57 -5.04 -18.89
CA GLY A 125 -26.49 -5.71 -17.99
C GLY A 125 -25.84 -6.74 -17.10
N GLY A 126 -24.63 -6.45 -16.60
CA GLY A 126 -24.03 -7.25 -15.55
C GLY A 126 -24.29 -6.66 -14.17
N THR A 127 -23.99 -7.44 -13.14
CA THR A 127 -24.25 -6.99 -11.78
C THR A 127 -23.17 -6.04 -11.28
N ALA A 128 -23.61 -4.99 -10.60
CA ALA A 128 -22.76 -3.88 -10.16
C ALA A 128 -21.82 -4.29 -9.04
N PRO A 129 -20.49 -4.31 -9.26
CA PRO A 129 -19.57 -4.72 -8.17
C PRO A 129 -19.78 -3.88 -6.91
N ASP A 130 -19.06 -4.23 -5.84
CA ASP A 130 -19.24 -3.57 -4.55
C ASP A 130 -19.06 -2.07 -4.70
N PRO A 131 -20.15 -1.29 -4.62
CA PRO A 131 -20.03 0.18 -4.62
C PRO A 131 -18.87 0.63 -3.77
N ARG A 132 -18.89 0.23 -2.48
CA ARG A 132 -17.85 0.51 -1.50
C ARG A 132 -16.44 0.51 -2.10
N ILE A 133 -16.18 -0.47 -2.97
CA ILE A 133 -14.82 -0.66 -3.50
C ILE A 133 -14.26 0.62 -4.12
N LEU A 134 -15.13 1.50 -4.63
CA LEU A 134 -14.70 2.71 -5.32
C LEU A 134 -14.79 3.97 -4.47
N LYS A 135 -15.19 3.86 -3.20
CA LYS A 135 -15.31 5.04 -2.36
C LYS A 135 -13.93 5.60 -2.05
N ASP A 136 -13.81 6.92 -2.04
CA ASP A 136 -12.58 7.51 -1.54
C ASP A 136 -12.36 7.09 -0.09
N LYS A 137 -11.10 7.16 0.35
CA LYS A 137 -10.76 6.69 1.68
C LYS A 137 -9.41 7.27 2.05
N VAL A 138 -9.23 7.58 3.33
CA VAL A 138 -7.94 8.04 3.82
C VAL A 138 -7.29 6.97 4.70
N ILE A 139 -5.97 6.93 4.68
CA ILE A 139 -5.21 5.93 5.43
C ILE A 139 -3.93 6.56 5.92
N SER A 140 -3.50 6.16 7.12
CA SER A 140 -2.21 6.54 7.68
C SER A 140 -1.47 5.31 8.19
N PHE A 141 -0.16 5.40 8.13
CA PHE A 141 0.69 4.26 8.43
C PHE A 141 1.68 4.68 9.52
N MSE A 142 2.09 3.69 10.32
CA MSE A 142 3.16 3.85 11.27
C MSE A 142 4.01 2.59 11.19
O MSE A 142 3.50 1.48 11.18
CB MSE A 142 2.63 4.05 12.69
CG MSE A 142 1.81 5.31 12.89
SE MSE A 142 1.12 5.49 14.75
CE MSE A 142 -0.22 4.04 14.81
N SER A 143 5.32 2.76 11.11
CA SER A 143 6.24 1.63 11.04
C SER A 143 7.12 1.70 12.27
N VAL A 144 7.10 0.64 13.07
CA VAL A 144 7.75 0.62 14.38
C VAL A 144 8.89 -0.40 14.33
N GLY A 145 10.13 0.07 14.49
CA GLY A 145 11.29 -0.79 14.44
C GLY A 145 12.10 -0.73 15.72
N GLY A 146 13.06 -1.65 15.83
CA GLY A 146 13.90 -1.70 17.00
C GLY A 146 15.27 -1.07 16.79
N SER A 147 15.57 -0.70 15.53
CA SER A 147 16.84 -0.05 15.25
C SER A 147 16.64 1.08 14.23
N ASP A 148 17.68 1.39 13.46
CA ASP A 148 17.53 2.33 12.36
C ASP A 148 17.58 1.64 11.01
N TRP A 149 17.57 0.30 10.98
CA TRP A 149 17.37 -0.43 9.72
C TRP A 149 15.91 -0.26 9.33
N VAL A 150 15.58 0.90 8.77
CA VAL A 150 14.18 1.28 8.51
C VAL A 150 13.99 1.99 7.17
N THR A 151 14.85 1.74 6.20
CA THR A 151 14.92 2.57 5.00
C THR A 151 14.03 2.10 3.86
N ARG A 152 13.21 1.07 4.06
CA ARG A 152 12.31 0.63 3.02
C ARG A 152 10.85 0.52 3.47
N THR A 153 10.56 0.70 4.76
CA THR A 153 9.21 0.42 5.29
C THR A 153 8.19 1.43 4.80
N GLN A 154 8.52 2.72 4.79
CA GLN A 154 7.58 3.74 4.30
C GLN A 154 7.17 3.46 2.85
N CYS A 155 8.12 3.08 1.99
CA CYS A 155 7.75 2.78 0.62
C CYS A 155 6.82 1.57 0.57
N ASP A 156 7.19 0.49 1.30
CA ASP A 156 6.29 -0.65 1.49
C ASP A 156 4.88 -0.17 1.82
N ALA A 157 4.75 0.67 2.85
CA ALA A 157 3.43 1.11 3.26
C ALA A 157 2.72 1.88 2.14
N GLY A 158 3.44 2.78 1.46
CA GLY A 158 2.84 3.52 0.35
C GLY A 158 2.24 2.62 -0.71
N MSE A 159 2.90 1.50 -1.03
CA MSE A 159 2.40 0.53 -2.01
C MSE A 159 1.00 0.05 -1.68
O MSE A 159 0.16 -0.12 -2.58
CB MSE A 159 3.30 -0.68 -2.12
CG MSE A 159 4.57 -0.47 -2.91
SE MSE A 159 4.33 0.07 -4.76
CE MSE A 159 6.19 0.52 -5.07
N LEU A 160 0.74 -0.26 -0.41
CA LEU A 160 -0.59 -0.77 -0.10
C LEU A 160 -1.65 0.24 -0.51
N ALA A 161 -1.42 1.52 -0.23
CA ALA A 161 -2.41 2.51 -0.60
C ALA A 161 -2.51 2.70 -2.11
N LEU A 162 -1.44 2.39 -2.85
CA LEU A 162 -1.36 2.86 -4.23
C LEU A 162 -2.34 2.13 -5.13
N THR A 163 -2.51 0.83 -4.94
CA THR A 163 -3.48 0.07 -5.74
C THR A 163 -4.86 0.71 -5.71
N PRO A 164 -5.47 0.92 -4.54
CA PRO A 164 -6.77 1.58 -4.50
C PRO A 164 -6.73 3.10 -4.47
N MSE A 165 -5.55 3.71 -4.58
CA MSE A 165 -5.39 5.17 -4.49
C MSE A 165 -6.05 5.79 -3.25
O MSE A 165 -6.60 6.87 -3.32
CB MSE A 165 -5.92 5.86 -5.75
CG MSE A 165 -5.18 5.46 -7.01
SE MSE A 165 -5.80 6.35 -8.65
CE MSE A 165 -5.81 8.19 -7.99
N TRP A 166 -5.97 5.12 -2.12
CA TRP A 166 -6.35 5.78 -0.88
C TRP A 166 -5.41 6.94 -0.61
N LYS A 167 -5.93 7.98 0.04
CA LYS A 167 -5.15 9.17 0.33
C LYS A 167 -4.37 8.96 1.63
N VAL A 168 -3.04 9.01 1.50
CA VAL A 168 -2.14 8.90 2.64
C VAL A 168 -2.12 10.22 3.39
N ILE A 169 -2.57 10.21 4.65
CA ILE A 169 -2.50 11.41 5.49
C ILE A 169 -1.15 11.49 6.20
N ASP A 170 -0.72 10.38 6.84
CA ASP A 170 0.55 10.26 7.56
C ASP A 170 1.22 8.93 7.26
N ASN A 171 2.56 8.95 7.12
CA ASN A 171 3.31 7.70 6.87
C ASN A 171 4.63 7.75 7.67
N GLU A 172 4.54 7.46 8.97
CA GLU A 172 5.58 7.75 9.94
C GLU A 172 6.46 6.53 10.21
N VAL A 173 7.75 6.78 10.46
CA VAL A 173 8.70 5.73 10.83
C VAL A 173 9.25 6.00 12.23
N PHE A 174 9.27 4.95 13.05
CA PHE A 174 9.71 5.02 14.45
C PHE A 174 10.89 4.08 14.66
N PRO A 175 12.12 4.57 14.53
CA PRO A 175 13.29 3.74 14.80
C PRO A 175 13.56 3.68 16.29
N TRP A 176 14.42 2.73 16.68
CA TRP A 176 14.82 2.52 18.07
C TRP A 176 13.60 2.57 19.00
N ALA A 177 12.59 1.75 18.68
CA ALA A 177 11.28 1.84 19.32
C ALA A 177 10.94 0.63 20.20
N LEU A 178 11.92 -0.19 20.60
CA LEU A 178 11.57 -1.34 21.42
C LEU A 178 10.91 -0.93 22.73
N SER A 179 11.31 0.22 23.30
CA SER A 179 10.73 0.76 24.53
C SER A 179 9.90 2.00 24.25
N ILE A 180 9.20 2.01 23.11
CA ILE A 180 8.55 3.22 22.67
C ILE A 180 7.38 3.57 23.57
N LEU A 181 6.71 2.56 24.15
CA LEU A 181 5.53 2.82 24.97
C LEU A 181 5.85 3.55 26.27
N VAL A 182 7.11 3.82 26.59
CA VAL A 182 7.43 4.74 27.68
C VAL A 182 8.17 5.97 27.18
N GLU A 183 8.15 6.23 25.88
CA GLU A 183 8.70 7.46 25.31
C GLU A 183 7.51 8.36 24.99
N ASP A 184 7.19 9.26 25.93
CA ASP A 184 5.94 10.00 25.87
C ASP A 184 5.83 10.87 24.61
N GLU A 185 6.91 11.51 24.21
CA GLU A 185 6.79 12.40 23.07
C GLU A 185 6.47 11.61 21.79
N ARG A 186 6.81 10.32 21.76
CA ARG A 186 6.54 9.53 20.56
C ARG A 186 5.15 8.91 20.61
N VAL A 187 4.72 8.42 21.78
CA VAL A 187 3.31 8.05 21.93
C VAL A 187 2.44 9.26 21.62
N ALA A 188 2.93 10.46 21.90
CA ALA A 188 2.20 11.68 21.58
C ALA A 188 2.00 11.81 20.07
N ARG A 189 3.09 11.63 19.32
CA ARG A 189 2.98 11.67 17.87
C ARG A 189 1.94 10.66 17.38
N ALA A 190 1.92 9.46 17.94
CA ALA A 190 0.90 8.49 17.53
C ALA A 190 -0.49 9.03 17.80
N HIS A 191 -0.70 9.62 18.97
CA HIS A 191 -1.97 10.28 19.26
C HIS A 191 -2.28 11.33 18.20
N GLN A 192 -1.29 12.17 17.87
CA GLN A 192 -1.54 13.19 16.86
C GLN A 192 -1.93 12.55 15.54
N ILE A 193 -1.34 11.39 15.21
CA ILE A 193 -1.63 10.74 13.94
C ILE A 193 -3.09 10.29 13.88
N GLY A 194 -3.62 9.80 15.02
CA GLY A 194 -5.03 9.44 15.08
C GLY A 194 -5.95 10.64 14.99
N ARG A 195 -5.59 11.74 15.66
CA ARG A 195 -6.28 13.00 15.44
C ARG A 195 -6.39 13.31 13.95
N ASN A 196 -5.26 13.28 13.25
CA ASN A 196 -5.23 13.64 11.83
C ASN A 196 -6.13 12.73 11.00
N ILE A 197 -5.98 11.41 11.15
CA ILE A 197 -6.78 10.50 10.34
C ILE A 197 -8.27 10.75 10.55
N ALA A 198 -8.68 10.99 11.80
CA ALA A 198 -10.09 11.25 12.04
C ALA A 198 -10.53 12.55 11.39
N GLU A 199 -9.70 13.59 11.51
CA GLU A 199 -10.01 14.86 10.86
C GLU A 199 -10.07 14.69 9.34
N ALA A 200 -9.07 14.03 8.75
CA ALA A 200 -9.09 13.80 7.30
C ALA A 200 -10.34 13.02 6.88
N ALA A 201 -10.77 12.08 7.73
CA ALA A 201 -11.95 11.28 7.41
C ALA A 201 -13.21 12.11 7.38
N LYS A 202 -13.26 13.22 8.14
CA LYS A 202 -14.46 14.06 8.17
C LYS A 202 -14.72 14.73 6.83
N ASP A 203 -13.70 14.86 5.97
CA ASP A 203 -13.80 15.57 4.69
C ASP A 203 -12.71 14.99 3.77
N ILE A 204 -12.99 13.81 3.20
CA ILE A 204 -11.97 13.12 2.41
C ILE A 204 -11.61 13.91 1.14
N GLU A 205 -12.55 14.70 0.62
CA GLU A 205 -12.27 15.51 -0.55
C GLU A 205 -11.18 16.54 -0.25
N HIS A 206 -11.30 17.23 0.87
CA HIS A 206 -10.42 18.35 1.19
C HIS A 206 -9.31 17.96 2.17
N ALA A 207 -9.23 16.68 2.56
CA ALA A 207 -8.13 16.22 3.37
C ALA A 207 -6.83 16.26 2.57
N GLN A 208 -5.74 16.64 3.24
CA GLN A 208 -4.46 16.86 2.62
C GLN A 208 -3.34 16.20 3.41
N TYR A 209 -2.36 15.63 2.69
CA TYR A 209 -1.24 14.92 3.30
C TYR A 209 -0.59 15.72 4.43
N GLN A 210 -0.32 15.04 5.55
CA GLN A 210 0.21 15.67 6.75
C GLN A 210 1.63 15.23 7.09
N GLY A 211 2.29 14.48 6.21
CA GLY A 211 3.58 13.90 6.52
C GLY A 211 4.76 14.64 5.93
N ASP A 212 5.88 13.93 5.85
CA ASP A 212 7.17 14.50 5.46
C ASP A 212 7.22 14.72 3.95
N ALA A 213 7.78 15.86 3.56
CA ALA A 213 7.76 16.23 2.14
C ALA A 213 8.52 15.23 1.30
N GLY A 214 9.62 14.69 1.82
CA GLY A 214 10.47 13.76 1.10
C GLY A 214 11.04 14.41 -0.14
N VAL A 215 11.52 13.56 -1.05
CA VAL A 215 12.19 14.01 -2.26
C VAL A 215 11.25 14.00 -3.47
N CYS A 216 10.61 12.85 -3.76
CA CYS A 216 9.65 12.81 -4.88
C CYS A 216 8.61 13.88 -4.66
N PRO A 217 8.54 14.91 -5.50
CA PRO A 217 7.54 15.97 -5.32
C PRO A 217 6.11 15.48 -5.48
N HIS A 218 5.91 14.29 -6.02
CA HIS A 218 4.60 13.70 -6.26
C HIS A 218 4.29 12.58 -5.27
N CYS A 219 5.08 11.48 -5.30
CA CYS A 219 4.94 10.37 -4.35
C CYS A 219 5.23 10.85 -2.91
N HIS A 220 6.20 11.74 -2.74
CA HIS A 220 6.84 12.08 -1.46
C HIS A 220 7.85 11.03 -1.01
N SER A 221 8.12 10.04 -1.86
CA SER A 221 9.07 9.00 -1.54
C SER A 221 10.48 9.57 -1.37
N ARG A 222 11.33 8.80 -0.69
CA ARG A 222 12.75 9.02 -0.66
C ARG A 222 13.51 7.82 -1.22
N ASN A 223 12.80 6.86 -1.82
CA ASN A 223 13.41 5.64 -2.35
C ASN A 223 13.45 5.74 -3.86
N PHE A 224 14.68 5.76 -4.41
CA PHE A 224 14.91 5.85 -5.84
C PHE A 224 15.79 4.72 -6.32
N HIS A 225 15.48 4.22 -7.51
CA HIS A 225 16.30 3.23 -8.19
C HIS A 225 17.05 3.97 -9.29
N LEU A 226 18.38 3.88 -9.27
CA LEU A 226 19.24 4.77 -10.03
C LEU A 226 19.97 4.01 -11.12
N GLN A 227 19.74 4.38 -12.37
CA GLN A 227 20.57 3.97 -13.49
C GLN A 227 20.96 5.19 -14.32
N ASP A 228 21.99 5.00 -15.14
CA ASP A 228 22.57 6.09 -15.94
C ASP A 228 21.53 6.76 -16.84
N GLY A 229 21.18 8.00 -16.53
CA GLY A 229 20.17 8.72 -17.27
C GLY A 229 18.75 8.46 -16.83
N LYS A 230 18.52 7.82 -15.68
CA LYS A 230 17.14 7.61 -15.24
C LYS A 230 17.09 7.27 -13.77
N ALA A 231 16.55 8.18 -12.98
CA ALA A 231 16.18 7.93 -11.61
C ALA A 231 14.68 7.69 -11.57
N ILE A 232 14.25 6.65 -10.85
CA ILE A 232 12.84 6.27 -10.81
C ILE A 232 12.36 6.31 -9.37
N CYS A 233 11.21 6.97 -9.14
CA CYS A 233 10.55 6.90 -7.85
C CYS A 233 10.15 5.47 -7.59
N CYS A 234 10.63 4.90 -6.49
CA CYS A 234 10.29 3.53 -6.16
C CYS A 234 8.84 3.35 -5.76
N LEU A 235 8.11 4.43 -5.48
CA LEU A 235 6.70 4.33 -5.13
C LEU A 235 5.79 4.65 -6.31
N CYS A 236 5.85 5.87 -6.85
CA CYS A 236 4.91 6.32 -7.88
C CYS A 236 5.37 6.01 -9.31
N GLY A 237 6.61 5.61 -9.52
CA GLY A 237 7.04 5.21 -10.84
C GLY A 237 7.63 6.30 -11.72
N LEU A 238 7.47 7.57 -11.35
CA LEU A 238 7.98 8.66 -12.19
C LEU A 238 9.46 8.45 -12.49
N GLU A 239 9.83 8.62 -13.76
CA GLU A 239 11.22 8.59 -14.22
C GLU A 239 11.70 10.01 -14.50
N GLY A 240 12.80 10.40 -13.85
CA GLY A 240 13.31 11.75 -13.91
C GLY A 240 14.77 11.78 -13.55
N GLU A 241 15.21 12.78 -12.78
CA GLU A 241 16.62 12.89 -12.45
C GLU A 241 16.82 13.42 -11.03
N ILE A 242 17.78 12.83 -10.32
CA ILE A 242 18.09 13.21 -8.95
C ILE A 242 19.23 14.21 -8.97
N HIS A 243 19.09 15.29 -8.19
CA HIS A 243 20.07 16.36 -8.16
C HIS A 243 20.61 16.53 -6.75
N ASN A 244 21.94 16.67 -6.63
CA ASN A 244 22.62 16.85 -5.34
C ASN A 244 23.14 18.27 -5.30
N GLU A 245 22.44 19.14 -4.57
CA GLU A 245 22.84 20.53 -4.36
C GLU A 245 23.50 20.61 -2.98
N GLY A 246 24.81 20.43 -2.96
CA GLY A 246 25.50 20.48 -1.68
C GLY A 246 24.93 19.53 -0.65
N GLY A 247 24.68 18.26 -1.04
CA GLY A 247 24.22 17.25 -0.11
C GLY A 247 22.73 17.16 0.07
N LYS A 248 21.97 18.16 -0.40
CA LYS A 248 20.51 18.07 -0.43
C LYS A 248 20.09 17.51 -1.79
N TYR A 249 19.24 16.48 -1.76
CA TYR A 249 18.78 15.83 -2.98
C TYR A 249 17.37 16.30 -3.34
N SER A 250 17.02 16.14 -4.62
CA SER A 250 15.77 16.66 -5.15
C SER A 250 15.48 16.01 -6.50
N PHE A 251 14.20 15.94 -6.87
CA PHE A 251 13.76 15.07 -7.96
C PHE A 251 12.95 15.86 -8.97
N THR A 252 13.40 15.85 -10.22
CA THR A 252 12.71 16.50 -11.32
C THR A 252 12.30 15.46 -12.35
N PHE A 253 11.26 15.79 -13.11
CA PHE A 253 10.78 14.86 -14.12
C PHE A 253 9.98 15.65 -15.14
N PRO A 254 9.84 15.13 -16.34
CA PRO A 254 9.15 15.87 -17.39
C PRO A 254 7.69 15.73 -16.99
N ALA A 255 6.96 16.85 -17.06
CA ALA A 255 5.51 16.94 -16.86
C ALA A 255 4.75 15.81 -17.55
N GLU A 256 5.12 15.51 -18.80
CA GLU A 256 4.50 14.41 -19.52
C GLU A 256 4.47 13.13 -18.70
N GLN A 257 5.49 12.90 -17.88
CA GLN A 257 5.54 11.72 -17.02
C GLN A 257 4.28 11.58 -16.18
N LEU A 258 3.77 12.71 -15.65
CA LEU A 258 2.60 12.66 -14.76
C LEU A 258 1.45 11.84 -15.33
N GLU A 259 1.39 11.70 -16.65
CA GLU A 259 0.39 10.83 -17.26
C GLU A 259 0.59 9.37 -16.90
N HIS A 260 1.81 8.97 -16.54
CA HIS A 260 2.17 7.58 -16.40
C HIS A 260 2.32 7.10 -14.95
N ALA A 261 2.27 8.00 -13.97
CA ALA A 261 2.56 7.61 -12.59
C ALA A 261 1.59 6.54 -12.10
N HIS A 262 2.09 5.62 -11.28
CA HIS A 262 1.33 4.43 -10.91
C HIS A 262 0.19 4.74 -9.94
N ASP A 263 0.15 5.96 -9.37
CA ASP A 263 -0.89 6.35 -8.44
C ASP A 263 -1.85 7.37 -9.07
N THR A 264 -2.05 7.29 -10.36
CA THR A 264 -2.99 8.14 -11.07
C THR A 264 -3.91 7.26 -11.90
N LEU A 265 -5.14 7.72 -12.14
CA LEU A 265 -6.01 6.94 -13.00
C LEU A 265 -5.39 6.76 -14.38
N SER A 266 -4.81 7.83 -14.91
CA SER A 266 -4.16 7.76 -16.22
C SER A 266 -3.09 6.67 -16.24
N GLY A 267 -2.22 6.66 -15.23
CA GLY A 267 -1.14 5.70 -15.22
C GLY A 267 -1.62 4.28 -15.09
N LYS A 268 -2.69 4.08 -14.31
CA LYS A 268 -3.23 2.74 -14.11
C LYS A 268 -3.88 2.22 -15.38
N PHE A 269 -4.67 3.08 -16.04
CA PHE A 269 -5.32 2.66 -17.28
C PHE A 269 -4.28 2.19 -18.28
N ILE A 270 -3.25 2.99 -18.51
CA ILE A 270 -2.18 2.54 -19.40
C ILE A 270 -1.64 1.20 -18.94
N HIS A 271 -1.24 1.11 -17.67
CA HIS A 271 -0.65 -0.11 -17.12
C HIS A 271 -1.51 -1.32 -17.41
N GLY A 272 -2.80 -1.25 -17.07
CA GLY A 272 -3.70 -2.34 -17.39
C GLY A 272 -3.80 -2.61 -18.89
N ASN A 273 -3.97 -1.54 -19.68
CA ASN A 273 -3.98 -1.71 -21.12
C ASN A 273 -2.79 -2.55 -21.57
N ASP A 274 -1.60 -2.22 -21.06
CA ASP A 274 -0.42 -3.01 -21.41
C ASP A 274 -0.54 -4.45 -20.92
N ILE A 275 -1.18 -4.68 -19.77
CA ILE A 275 -1.32 -6.05 -19.26
C ILE A 275 -2.21 -6.87 -20.17
N LYS A 276 -3.38 -6.33 -20.54
CA LYS A 276 -4.26 -7.03 -21.45
C LYS A 276 -3.55 -7.34 -22.76
N GLU A 277 -2.79 -6.38 -23.30
CA GLU A 277 -2.07 -6.62 -24.54
C GLU A 277 -1.08 -7.79 -24.37
N ASN A 278 -0.24 -7.72 -23.35
CA ASN A 278 0.79 -8.75 -23.16
C ASN A 278 0.21 -10.07 -22.72
N THR A 279 -0.96 -10.06 -22.09
CA THR A 279 -1.60 -11.33 -21.74
C THR A 279 -2.19 -12.00 -22.96
N GLY A 280 -2.58 -11.23 -23.96
CA GLY A 280 -2.98 -11.82 -25.22
C GLY A 280 -1.81 -12.47 -25.93
N LYS A 281 -0.71 -11.72 -26.09
CA LYS A 281 0.46 -12.29 -26.73
C LYS A 281 0.85 -13.60 -26.06
N LYS A 282 0.75 -13.65 -24.72
CA LYS A 282 1.13 -14.88 -24.01
C LYS A 282 0.20 -16.02 -24.39
N ILE A 283 -1.10 -15.83 -24.23
CA ILE A 283 -2.04 -16.90 -24.53
C ILE A 283 -1.78 -17.47 -25.92
N ALA A 284 -1.49 -16.60 -26.89
CA ALA A 284 -1.20 -17.10 -28.23
C ALA A 284 0.09 -17.89 -28.25
N ASN A 285 1.17 -17.32 -27.68
CA ASN A 285 2.44 -18.03 -27.65
C ASN A 285 2.31 -19.41 -27.01
N MSE A 286 1.39 -19.56 -26.06
CA MSE A 286 1.24 -20.81 -25.32
C MSE A 286 0.71 -21.91 -26.20
O MSE A 286 0.77 -23.09 -25.84
CB MSE A 286 0.31 -20.62 -24.13
CG MSE A 286 0.95 -19.96 -22.92
SE MSE A 286 -0.26 -19.96 -21.39
CE MSE A 286 -1.76 -19.00 -22.17
N GLN A 287 0.18 -21.54 -27.35
CA GLN A 287 -0.27 -22.55 -28.30
C GLN A 287 0.79 -22.93 -29.34
N THR A 288 1.91 -22.19 -29.43
CA THR A 288 2.94 -22.50 -30.41
C THR A 288 3.71 -23.77 -30.01
N GLU A 289 4.44 -24.31 -30.99
CA GLU A 289 5.21 -25.51 -30.69
C GLU A 289 6.48 -25.17 -29.94
N LYS A 290 7.04 -24.01 -30.21
CA LYS A 290 8.15 -23.52 -29.45
C LYS A 290 7.82 -23.58 -27.97
N TYR A 291 6.68 -23.06 -27.60
CA TYR A 291 6.25 -23.08 -26.21
C TYR A 291 6.04 -24.51 -25.71
N LYS A 292 5.29 -25.32 -26.46
CA LYS A 292 4.89 -26.64 -25.96
C LYS A 292 6.08 -27.59 -25.85
N ALA A 293 7.01 -27.54 -26.81
CA ALA A 293 8.16 -28.44 -26.75
C ALA A 293 9.08 -28.07 -25.59
N ARG A 294 9.30 -26.77 -25.38
CA ARG A 294 10.15 -26.33 -24.27
C ARG A 294 9.55 -26.74 -22.93
N GLN A 295 8.25 -26.51 -22.77
CA GLN A 295 7.58 -26.94 -21.54
C GLN A 295 7.70 -28.45 -21.35
N ALA A 296 7.55 -29.21 -22.44
CA ALA A 296 7.61 -30.66 -22.33
C ALA A 296 9.01 -31.11 -21.88
N ALA A 297 10.05 -30.45 -22.38
CA ALA A 297 11.40 -30.79 -21.97
C ALA A 297 11.62 -30.49 -20.49
N TYR A 298 11.07 -29.37 -20.01
CA TYR A 298 11.20 -29.06 -18.58
C TYR A 298 10.52 -30.13 -17.74
N ARG A 299 9.31 -30.54 -18.11
CA ARG A 299 8.64 -31.59 -17.34
C ARG A 299 9.45 -32.87 -17.33
N ALA A 300 10.13 -33.17 -18.45
CA ALA A 300 10.92 -34.41 -18.55
C ALA A 300 12.20 -34.34 -17.75
N PHE A 301 12.81 -33.16 -17.66
CA PHE A 301 14.17 -33.10 -17.16
C PHE A 301 14.25 -33.32 -15.66
N ILE A 302 13.24 -32.89 -14.90
CA ILE A 302 13.33 -32.95 -13.44
C ILE A 302 11.93 -32.93 -12.86
N THR A 303 11.81 -33.35 -11.62
CA THR A 303 10.53 -33.37 -10.93
C THR A 303 10.70 -32.62 -9.62
N ALA A 304 9.68 -31.87 -9.22
CA ALA A 304 9.79 -31.07 -8.02
C ALA A 304 9.83 -31.98 -6.79
N THR A 305 10.83 -31.75 -5.93
CA THR A 305 10.91 -32.43 -4.66
C THR A 305 9.96 -31.82 -3.64
N VAL A 306 9.39 -32.68 -2.79
CA VAL A 306 8.43 -32.22 -1.78
C VAL A 306 8.64 -32.98 -0.50
N PRO A 307 8.26 -32.38 0.62
CA PRO A 307 8.40 -33.05 1.92
C PRO A 307 7.43 -34.22 2.03
N GLU A 308 7.77 -35.13 2.95
CA GLU A 308 6.96 -36.32 3.16
C GLU A 308 5.78 -36.02 4.07
C2 57D B . 15.82 -9.31 16.02
C3 57D B . 15.25 -9.01 17.04
C4 57D B . 14.98 -7.75 17.42
C5 57D B . 15.48 -6.66 16.42
C6 57D B . 15.32 -5.26 16.60
C7 57D B . 15.86 -4.32 15.54
C8 57D B . 16.53 -4.87 14.37
C9 57D B . 16.65 -6.20 14.24
C10 57D B . 16.19 -6.93 15.15
O1 57D B . 16.29 -8.45 15.10
O4 57D B . 14.31 -7.43 18.62
O5 57D B . 14.67 -4.76 17.74
O7 57D B . 17.04 -4.02 13.37
C2' 57D B . 15.48 -11.37 14.41
C3' 57D B . 15.73 -12.62 14.09
C4' 57D B . 16.65 -13.45 14.98
C5' 57D B . 17.20 -12.93 16.06
C6' 57D B . 16.90 -11.47 16.43
C1' 57D B . 16.09 -10.76 15.67
H3 57D B . 15.00 -9.64 17.55
H7 57D B . 15.76 -3.41 15.64
H9 57D B . 17.09 -6.57 13.50
HO5 57D B . 15.21 -4.32 18.19
HO7 57D B . 17.69 -3.60 13.67
H2' 57D B . 14.92 -10.86 13.88
H3' 57D B . 15.35 -12.99 13.34
H4' 57D B . 16.83 -14.34 14.76
H5' 57D B . 17.76 -13.44 16.59
H6' 57D B . 17.28 -11.10 17.18
N1 FMN C . 13.61 -3.65 13.40
C2 FMN C . 14.21 -2.75 12.64
O2 FMN C . 14.21 -1.62 13.18
N3 FMN C . 14.76 -3.04 11.42
C4 FMN C . 14.70 -4.32 10.98
O4 FMN C . 15.14 -4.76 9.91
C4A FMN C . 14.03 -5.34 11.81
N5 FMN C . 13.92 -6.62 11.42
C5A FMN C . 13.31 -7.56 12.18
C6 FMN C . 13.20 -8.87 11.76
C7 FMN C . 12.57 -9.81 12.56
C7M FMN C . 12.42 -11.26 12.18
C8 FMN C . 12.02 -9.43 13.86
C8M FMN C . 11.34 -10.48 14.69
C9 FMN C . 12.13 -8.12 14.28
C9A FMN C . 12.76 -7.17 13.48
N10 FMN C . 12.85 -5.84 13.91
C10 FMN C . 13.47 -4.92 13.07
C1' FMN C . 12.29 -5.50 15.23
C2' FMN C . 10.76 -5.48 15.25
O2' FMN C . 10.27 -4.42 14.48
C3' FMN C . 10.15 -5.38 16.67
O3' FMN C . 10.26 -6.59 17.42
C4' FMN C . 8.67 -4.94 16.58
O4' FMN C . 8.56 -3.58 16.16
C5' FMN C . 7.90 -5.15 17.87
O5' FMN C . 6.55 -4.69 17.81
P FMN C . 5.43 -5.41 18.66
O1P FMN C . 4.11 -4.95 18.20
O2P FMN C . 5.75 -6.80 18.36
O3P FMN C . 5.78 -5.04 20.00
HN3 FMN C . 15.25 -2.27 10.83
H6 FMN C . 13.60 -9.22 10.81
HM71 FMN C . 11.41 -11.55 12.31
HM72 FMN C . 13.04 -11.84 12.81
HM73 FMN C . 12.69 -11.44 11.16
HM81 FMN C . 11.32 -10.24 15.72
HM82 FMN C . 11.86 -11.41 14.60
HM83 FMN C . 10.35 -10.60 14.35
H9 FMN C . 11.69 -7.87 15.25
H1'1 FMN C . 12.62 -6.23 15.99
H1'2 FMN C . 12.70 -4.56 15.61
H2' FMN C . 10.37 -6.39 14.76
HO2' FMN C . 10.54 -3.52 14.76
H3' FMN C . 10.74 -4.66 17.26
HO3' FMN C . 9.84 -7.33 16.98
H4' FMN C . 8.15 -5.56 15.82
HO4' FMN C . 8.99 -2.96 16.76
H5'1 FMN C . 7.94 -6.22 18.12
H5'2 FMN C . 8.42 -4.62 18.67
#